data_6NUG
#
_entry.id   6NUG
#
_entity_poly.entity_id   1
_entity_poly.type   'polypeptide(L)'
_entity_poly.pdbx_seq_one_letter_code
;CDMEVSCPDGYTCCRLQSGAWGCC
;
_entity_poly.pdbx_strand_id   A
#
# COMPACT_ATOMS: atom_id res chain seq x y z
N CYS A 1 -2.37 -1.13 -4.76
CA CYS A 1 -3.39 -1.23 -3.72
C CYS A 1 -4.42 -0.10 -3.85
N ASP A 2 -3.93 1.10 -4.15
CA ASP A 2 -4.79 2.26 -4.29
C ASP A 2 -4.89 2.68 -5.76
N MET A 3 -5.94 3.43 -6.09
CA MET A 3 -6.15 3.89 -7.46
C MET A 3 -5.00 4.76 -7.92
N GLU A 4 -4.61 5.73 -7.09
CA GLU A 4 -3.52 6.63 -7.42
C GLU A 4 -2.17 5.95 -7.20
N VAL A 5 -2.00 5.34 -6.03
CA VAL A 5 -0.76 4.66 -5.68
C VAL A 5 -0.83 3.18 -6.05
N SER A 6 -0.21 2.82 -7.16
CA SER A 6 -0.20 1.43 -7.61
C SER A 6 1.04 0.71 -7.12
N CYS A 7 0.91 -0.60 -6.91
CA CYS A 7 2.02 -1.42 -6.44
C CYS A 7 2.39 -2.49 -7.47
N PRO A 8 3.01 -2.05 -8.58
CA PRO A 8 3.43 -2.94 -9.66
C PRO A 8 4.59 -3.84 -9.25
N ASP A 9 5.46 -3.31 -8.40
CA ASP A 9 6.62 -4.07 -7.92
C ASP A 9 6.19 -5.42 -7.38
N GLY A 10 4.99 -5.49 -6.82
CA GLY A 10 4.49 -6.73 -6.27
C GLY A 10 4.44 -6.70 -4.75
N TYR A 11 4.03 -5.57 -4.19
CA TYR A 11 3.94 -5.42 -2.74
C TYR A 11 2.56 -5.82 -2.24
N THR A 12 2.50 -6.25 -0.99
CA THR A 12 1.23 -6.67 -0.37
C THR A 12 0.53 -5.50 0.30
N CYS A 13 -0.79 -5.59 0.38
CA CYS A 13 -1.58 -4.52 1.00
C CYS A 13 -1.56 -4.64 2.52
N CYS A 14 -1.16 -3.56 3.18
CA CYS A 14 -1.08 -3.54 4.63
C CYS A 14 -1.35 -2.13 5.17
N ARG A 15 -1.43 -2.01 6.49
CA ARG A 15 -1.68 -0.73 7.13
C ARG A 15 -0.37 -0.13 7.67
N LEU A 16 -0.18 1.17 7.44
CA LEU A 16 1.02 1.85 7.90
C LEU A 16 0.81 2.43 9.30
N GLN A 17 1.88 2.43 10.09
CA GLN A 17 1.81 2.96 11.45
C GLN A 17 1.21 4.36 11.46
N SER A 18 1.69 5.21 10.56
CA SER A 18 1.20 6.58 10.46
C SER A 18 -0.32 6.61 10.38
N GLY A 19 -0.89 5.63 9.69
CA GLY A 19 -2.34 5.57 9.56
C GLY A 19 -2.79 5.80 8.12
N ALA A 20 -2.15 5.11 7.19
CA ALA A 20 -2.49 5.24 5.77
C ALA A 20 -2.65 3.87 5.12
N TRP A 21 -3.39 3.83 4.01
CA TRP A 21 -3.62 2.58 3.30
C TRP A 21 -2.61 2.41 2.17
N GLY A 22 -1.53 1.69 2.44
CA GLY A 22 -0.50 1.46 1.44
C GLY A 22 -0.11 0.01 1.33
N CYS A 23 0.94 -0.27 0.57
CA CYS A 23 1.41 -1.63 0.37
C CYS A 23 2.87 -1.77 0.80
N CYS A 24 3.14 -2.77 1.62
CA CYS A 24 4.49 -3.02 2.11
C CYS A 24 5.01 -4.37 1.64
N CYS A 1 -1.88 -1.15 -3.64
CA CYS A 1 -3.17 -1.83 -3.51
C CYS A 1 -4.30 -0.83 -3.38
N ASP A 2 -4.21 0.27 -4.12
CA ASP A 2 -5.22 1.31 -4.09
C ASP A 2 -5.28 2.05 -5.42
N MET A 3 -6.27 2.93 -5.56
CA MET A 3 -6.44 3.72 -6.78
C MET A 3 -5.27 4.67 -6.97
N GLU A 4 -4.84 5.30 -5.88
CA GLU A 4 -3.73 6.24 -5.93
C GLU A 4 -2.40 5.54 -5.68
N VAL A 5 -2.38 4.66 -4.69
CA VAL A 5 -1.16 3.92 -4.36
C VAL A 5 -1.20 2.52 -4.97
N SER A 6 -0.57 2.38 -6.14
CA SER A 6 -0.54 1.09 -6.82
C SER A 6 0.78 0.38 -6.56
N CYS A 7 0.74 -0.95 -6.52
CA CYS A 7 1.92 -1.76 -6.28
C CYS A 7 2.12 -2.78 -7.38
N PRO A 8 2.55 -2.31 -8.57
CA PRO A 8 2.78 -3.19 -9.72
C PRO A 8 4.00 -4.09 -9.54
N ASP A 9 5.00 -3.58 -8.83
CA ASP A 9 6.22 -4.35 -8.57
C ASP A 9 5.89 -5.71 -8.00
N GLY A 10 4.79 -5.80 -7.25
CA GLY A 10 4.38 -7.05 -6.64
C GLY A 10 4.55 -7.05 -5.14
N TYR A 11 4.23 -5.92 -4.51
CA TYR A 11 4.34 -5.80 -3.06
C TYR A 11 3.05 -6.20 -2.37
N THR A 12 3.12 -6.44 -1.07
CA THR A 12 1.95 -6.83 -0.29
C THR A 12 1.25 -5.60 0.29
N CYS A 13 -0.05 -5.73 0.52
CA CYS A 13 -0.85 -4.64 1.07
C CYS A 13 -0.83 -4.66 2.59
N CYS A 14 -0.46 -3.53 3.18
CA CYS A 14 -0.39 -3.42 4.64
C CYS A 14 -0.74 -2.01 5.10
N ARG A 15 -1.03 -1.86 6.39
CA ARG A 15 -1.38 -0.56 6.94
C ARG A 15 -0.18 0.06 7.67
N LEU A 16 -0.06 1.38 7.57
CA LEU A 16 1.03 2.10 8.20
C LEU A 16 0.63 2.58 9.59
N GLN A 17 1.56 2.51 10.54
CA GLN A 17 1.30 2.95 11.90
C GLN A 17 0.74 4.37 11.92
N SER A 18 1.31 5.23 11.08
CA SER A 18 0.87 6.63 11.02
C SER A 18 -0.63 6.71 10.76
N GLY A 19 -1.14 5.78 9.96
CA GLY A 19 -2.56 5.76 9.64
C GLY A 19 -2.83 6.06 8.18
N ALA A 20 -2.13 5.36 7.29
CA ALA A 20 -2.31 5.55 5.87
C ALA A 20 -2.18 4.23 5.11
N TRP A 21 -2.38 4.28 3.81
CA TRP A 21 -2.28 3.09 2.97
C TRP A 21 -0.88 2.96 2.37
N GLY A 22 -0.37 1.72 2.33
CA GLY A 22 0.94 1.48 1.79
C GLY A 22 1.21 0.02 1.53
N CYS A 23 2.41 -0.30 1.07
CA CYS A 23 2.79 -1.68 0.77
C CYS A 23 3.88 -2.16 1.73
N CYS A 24 4.03 -3.47 1.83
CA CYS A 24 5.03 -4.07 2.71
C CYS A 24 5.79 -5.17 1.99
N CYS A 1 -5.70 -0.45 -0.22
CA CYS A 1 -5.23 0.13 -1.48
C CYS A 1 -6.39 0.54 -2.36
N ASP A 2 -6.09 1.30 -3.41
CA ASP A 2 -7.11 1.76 -4.34
C ASP A 2 -6.51 2.05 -5.71
N MET A 3 -7.35 2.55 -6.63
CA MET A 3 -6.88 2.87 -7.98
C MET A 3 -5.76 3.90 -7.93
N GLU A 4 -5.98 4.99 -7.21
CA GLU A 4 -4.99 6.05 -7.10
C GLU A 4 -3.64 5.49 -6.66
N VAL A 5 -3.59 4.98 -5.43
CA VAL A 5 -2.36 4.40 -4.90
C VAL A 5 -2.48 2.89 -4.76
N SER A 6 -1.54 2.17 -5.37
CA SER A 6 -1.55 0.72 -5.32
C SER A 6 -0.12 0.18 -5.16
N CYS A 7 0.03 -1.13 -5.30
CA CYS A 7 1.33 -1.78 -5.18
C CYS A 7 1.76 -2.39 -6.50
N PRO A 8 2.15 -1.53 -7.45
CA PRO A 8 2.59 -1.96 -8.78
C PRO A 8 3.93 -2.67 -8.74
N ASP A 9 4.80 -2.25 -7.83
CA ASP A 9 6.12 -2.85 -7.68
C ASP A 9 6.02 -4.37 -7.54
N GLY A 10 4.92 -4.82 -6.96
CA GLY A 10 4.72 -6.25 -6.77
C GLY A 10 4.81 -6.66 -5.32
N TYR A 11 4.26 -5.84 -4.43
CA TYR A 11 4.28 -6.13 -3.00
C TYR A 11 2.88 -6.37 -2.46
N THR A 12 2.78 -6.64 -1.16
CA THR A 12 1.50 -6.89 -0.53
C THR A 12 0.90 -5.60 0.02
N CYS A 13 -0.43 -5.54 0.05
CA CYS A 13 -1.13 -4.36 0.54
C CYS A 13 -1.23 -4.38 2.06
N CYS A 14 -0.42 -3.56 2.71
CA CYS A 14 -0.41 -3.49 4.18
C CYS A 14 -0.75 -2.08 4.64
N ARG A 15 -1.08 -1.96 5.93
CA ARG A 15 -1.43 -0.66 6.51
C ARG A 15 -0.42 -0.27 7.58
N LEU A 16 -0.14 1.03 7.66
CA LEU A 16 0.81 1.55 8.64
C LEU A 16 0.09 1.93 9.94
N GLN A 17 0.78 1.74 11.07
CA GLN A 17 0.21 2.07 12.36
C GLN A 17 -0.32 3.50 12.38
N SER A 18 0.46 4.42 11.83
CA SER A 18 0.07 5.83 11.79
C SER A 18 -1.32 5.99 11.19
N GLY A 19 -1.64 5.15 10.21
CA GLY A 19 -2.95 5.22 9.58
C GLY A 19 -2.87 5.64 8.13
N ALA A 20 -1.92 5.06 7.41
CA ALA A 20 -1.74 5.38 6.00
C ALA A 20 -1.58 4.11 5.16
N TRP A 21 -1.36 4.29 3.86
CA TRP A 21 -1.20 3.16 2.96
C TRP A 21 0.28 2.76 2.85
N GLY A 22 0.52 1.47 2.59
CA GLY A 22 1.88 0.99 2.47
C GLY A 22 1.95 -0.37 1.80
N CYS A 23 3.08 -0.65 1.15
CA CYS A 23 3.27 -1.92 0.47
C CYS A 23 4.39 -2.72 1.11
N CYS A 24 4.13 -4.00 1.35
CA CYS A 24 5.12 -4.88 1.96
C CYS A 24 5.97 -5.58 0.91
N CYS A 1 -4.79 -3.37 -5.16
CA CYS A 1 -5.61 -3.38 -3.96
C CYS A 1 -6.71 -2.32 -4.04
N ASP A 2 -6.31 -1.08 -4.31
CA ASP A 2 -7.25 0.02 -4.42
C ASP A 2 -6.95 0.89 -5.64
N MET A 3 -7.96 1.60 -6.12
CA MET A 3 -7.80 2.46 -7.29
C MET A 3 -6.75 3.53 -7.04
N GLU A 4 -6.78 4.11 -5.83
CA GLU A 4 -5.82 5.15 -5.47
C GLU A 4 -4.52 4.53 -4.97
N VAL A 5 -4.62 3.61 -4.01
CA VAL A 5 -3.45 2.95 -3.45
C VAL A 5 -3.12 1.68 -4.23
N SER A 6 -1.95 1.67 -4.85
CA SER A 6 -1.52 0.51 -5.63
C SER A 6 -0.11 0.07 -5.20
N CYS A 7 0.29 -1.11 -5.67
CA CYS A 7 1.61 -1.65 -5.35
C CYS A 7 2.36 -2.07 -6.60
N PRO A 8 2.84 -1.08 -7.37
CA PRO A 8 3.59 -1.32 -8.60
C PRO A 8 4.96 -1.93 -8.34
N ASP A 9 5.57 -1.55 -7.22
CA ASP A 9 6.88 -2.06 -6.86
C ASP A 9 6.92 -3.59 -6.91
N GLY A 10 5.77 -4.20 -6.63
CA GLY A 10 5.68 -5.65 -6.64
C GLY A 10 5.51 -6.24 -5.26
N TYR A 11 4.71 -5.58 -4.44
CA TYR A 11 4.47 -6.04 -3.07
C TYR A 11 2.97 -6.05 -2.75
N THR A 12 2.63 -6.46 -1.54
CA THR A 12 1.24 -6.51 -1.11
C THR A 12 0.81 -5.20 -0.46
N CYS A 13 -0.49 -4.93 -0.49
CA CYS A 13 -1.03 -3.71 0.09
C CYS A 13 -1.15 -3.83 1.60
N CYS A 14 -0.68 -2.82 2.32
CA CYS A 14 -0.73 -2.80 3.77
C CYS A 14 -1.12 -1.42 4.30
N ARG A 15 -1.20 -1.30 5.62
CA ARG A 15 -1.55 -0.03 6.24
C ARG A 15 -0.57 0.33 7.35
N LEU A 16 -0.15 1.58 7.38
CA LEU A 16 0.80 2.05 8.39
C LEU A 16 0.06 2.56 9.63
N GLN A 17 0.69 2.39 10.80
CA GLN A 17 0.09 2.83 12.05
C GLN A 17 -0.34 4.29 11.97
N SER A 18 0.57 5.15 11.51
CA SER A 18 0.29 6.57 11.38
C SER A 18 -1.00 6.80 10.59
N GLY A 19 -1.24 5.96 9.59
CA GLY A 19 -2.43 6.08 8.78
C GLY A 19 -2.11 6.42 7.34
N ALA A 20 -0.99 5.91 6.84
CA ALA A 20 -0.57 6.16 5.47
C ALA A 20 -0.61 4.88 4.63
N TRP A 21 -0.55 5.03 3.32
CA TRP A 21 -0.59 3.89 2.41
C TRP A 21 0.82 3.38 2.13
N GLY A 22 0.97 2.06 2.12
CA GLY A 22 2.27 1.47 1.86
C GLY A 22 2.17 0.06 1.28
N CYS A 23 3.31 -0.53 0.97
CA CYS A 23 3.35 -1.88 0.41
C CYS A 23 4.41 -2.72 1.09
N CYS A 24 4.05 -3.95 1.46
CA CYS A 24 4.97 -4.86 2.13
C CYS A 24 5.61 -5.81 1.12
N CYS A 1 -1.73 -0.21 -2.09
CA CYS A 1 -2.69 -0.67 -3.08
C CYS A 1 -3.90 0.27 -3.14
N ASP A 2 -4.01 1.01 -4.24
CA ASP A 2 -5.12 1.95 -4.42
C ASP A 2 -5.30 2.29 -5.89
N MET A 3 -6.34 3.05 -6.20
CA MET A 3 -6.63 3.46 -7.57
C MET A 3 -5.63 4.50 -8.04
N GLU A 4 -5.27 5.41 -7.15
CA GLU A 4 -4.32 6.47 -7.49
C GLU A 4 -2.90 5.93 -7.55
N VAL A 5 -2.59 4.99 -6.66
CA VAL A 5 -1.26 4.39 -6.62
C VAL A 5 -1.36 2.87 -6.65
N SER A 6 -0.64 2.26 -7.59
CA SER A 6 -0.64 0.81 -7.74
C SER A 6 0.70 0.22 -7.29
N CYS A 7 0.71 -1.10 -7.07
CA CYS A 7 1.91 -1.79 -6.64
C CYS A 7 2.39 -2.78 -7.69
N PRO A 8 2.96 -2.24 -8.79
CA PRO A 8 3.46 -3.07 -9.89
C PRO A 8 4.72 -3.85 -9.51
N ASP A 9 5.53 -3.26 -8.64
CA ASP A 9 6.76 -3.91 -8.18
C ASP A 9 6.47 -5.32 -7.68
N GLY A 10 5.28 -5.51 -7.13
CA GLY A 10 4.90 -6.82 -6.61
C GLY A 10 4.82 -6.83 -5.10
N TYR A 11 4.28 -5.77 -4.53
CA TYR A 11 4.15 -5.66 -3.07
C TYR A 11 2.70 -5.86 -2.65
N THR A 12 2.51 -6.41 -1.45
CA THR A 12 1.18 -6.66 -0.92
C THR A 12 0.67 -5.45 -0.13
N CYS A 13 -0.59 -5.53 0.31
CA CYS A 13 -1.19 -4.44 1.08
C CYS A 13 -0.77 -4.52 2.54
N CYS A 14 -0.36 -3.39 3.09
CA CYS A 14 0.07 -3.32 4.48
C CYS A 14 -0.29 -1.98 5.10
N ARG A 15 -0.74 -2.01 6.34
CA ARG A 15 -1.12 -0.79 7.05
C ARG A 15 0.05 -0.23 7.86
N LEU A 16 0.12 1.08 7.95
CA LEU A 16 1.19 1.74 8.70
C LEU A 16 0.80 1.95 10.16
N GLN A 17 1.79 2.06 11.02
CA GLN A 17 1.55 2.27 12.45
C GLN A 17 0.60 3.44 12.67
N SER A 18 0.72 4.47 11.83
CA SER A 18 -0.13 5.65 11.94
C SER A 18 -1.57 5.32 11.58
N GLY A 19 -1.74 4.43 10.60
CA GLY A 19 -3.07 4.05 10.17
C GLY A 19 -3.37 4.46 8.75
N ALA A 20 -2.34 4.39 7.90
CA ALA A 20 -2.50 4.77 6.49
C ALA A 20 -2.33 3.56 5.58
N TRP A 21 -2.65 3.73 4.30
CA TRP A 21 -2.54 2.65 3.33
C TRP A 21 -1.16 2.66 2.68
N GLY A 22 -0.63 1.46 2.41
CA GLY A 22 0.68 1.35 1.79
C GLY A 22 0.98 -0.07 1.33
N CYS A 23 2.19 -0.26 0.79
CA CYS A 23 2.60 -1.57 0.32
C CYS A 23 3.82 -2.07 1.07
N CYS A 24 3.87 -3.38 1.31
CA CYS A 24 4.99 -3.98 2.03
C CYS A 24 5.48 -5.25 1.32
N CYS A 1 -2.24 0.13 -1.73
CA CYS A 1 -3.45 -0.50 -2.24
C CYS A 1 -4.55 0.55 -2.45
N ASP A 2 -4.19 1.64 -3.13
CA ASP A 2 -5.13 2.71 -3.41
C ASP A 2 -5.45 2.78 -4.89
N MET A 3 -6.58 3.41 -5.22
CA MET A 3 -7.01 3.54 -6.60
C MET A 3 -5.95 4.28 -7.43
N GLU A 4 -5.63 5.50 -7.02
CA GLU A 4 -4.64 6.30 -7.71
C GLU A 4 -3.28 5.63 -7.70
N VAL A 5 -2.78 5.34 -6.49
CA VAL A 5 -1.48 4.69 -6.33
C VAL A 5 -1.64 3.28 -5.78
N SER A 6 -1.08 2.31 -6.49
CA SER A 6 -1.16 0.91 -6.09
C SER A 6 0.22 0.27 -6.09
N CYS A 7 0.25 -1.05 -5.90
CA CYS A 7 1.51 -1.79 -5.87
C CYS A 7 1.58 -2.76 -7.04
N PRO A 8 1.80 -2.23 -8.25
CA PRO A 8 1.89 -3.03 -9.47
C PRO A 8 3.17 -3.88 -9.51
N ASP A 9 4.24 -3.34 -8.93
CA ASP A 9 5.52 -4.04 -8.90
C ASP A 9 5.35 -5.46 -8.36
N GLY A 10 4.38 -5.63 -7.46
CA GLY A 10 4.13 -6.93 -6.87
C GLY A 10 4.52 -6.99 -5.41
N TYR A 11 4.23 -5.92 -4.68
CA TYR A 11 4.56 -5.85 -3.26
C TYR A 11 3.40 -6.37 -2.41
N THR A 12 3.67 -6.57 -1.12
CA THR A 12 2.65 -7.07 -0.20
C THR A 12 1.88 -5.92 0.44
N CYS A 13 0.56 -6.08 0.55
CA CYS A 13 -0.28 -5.05 1.13
C CYS A 13 -0.24 -5.13 2.65
N CYS A 14 0.09 -4.00 3.29
CA CYS A 14 0.17 -3.94 4.74
C CYS A 14 -0.50 -2.67 5.26
N ARG A 15 -0.97 -2.72 6.51
CA ARG A 15 -1.63 -1.59 7.12
C ARG A 15 -0.73 -0.93 8.17
N LEU A 16 -0.69 0.40 8.15
CA LEU A 16 0.14 1.15 9.10
C LEU A 16 -0.67 1.54 10.33
N GLN A 17 -0.10 1.29 11.50
CA GLN A 17 -0.77 1.62 12.76
C GLN A 17 -1.19 3.08 12.78
N SER A 18 -0.35 3.94 12.22
CA SER A 18 -0.64 5.37 12.18
C SER A 18 -2.03 5.64 11.62
N GLY A 19 -2.42 4.82 10.63
CA GLY A 19 -3.73 4.98 10.02
C GLY A 19 -3.64 5.29 8.54
N ALA A 20 -2.74 4.60 7.84
CA ALA A 20 -2.57 4.81 6.41
C ALA A 20 -2.33 3.48 5.70
N TRP A 21 -2.19 3.55 4.37
CA TRP A 21 -1.97 2.35 3.57
C TRP A 21 -0.53 2.32 3.04
N GLY A 22 0.04 1.13 2.97
CA GLY A 22 1.40 0.98 2.49
C GLY A 22 1.69 -0.41 1.98
N CYS A 23 2.92 -0.65 1.54
CA CYS A 23 3.32 -1.95 1.03
C CYS A 23 4.56 -2.47 1.77
N CYS A 24 4.85 -3.76 1.59
CA CYS A 24 6.00 -4.37 2.24
C CYS A 24 6.84 -5.15 1.23
N CYS A 1 -5.10 -1.87 -6.30
CA CYS A 1 -5.14 -2.14 -4.86
C CYS A 1 -5.77 -0.97 -4.11
N ASP A 2 -5.30 0.24 -4.39
CA ASP A 2 -5.82 1.43 -3.74
C ASP A 2 -6.64 2.27 -4.72
N MET A 3 -7.12 3.41 -4.25
CA MET A 3 -7.91 4.31 -5.08
C MET A 3 -7.05 4.95 -6.17
N GLU A 4 -5.80 5.24 -5.84
CA GLU A 4 -4.88 5.84 -6.78
C GLU A 4 -3.45 5.39 -6.53
N VAL A 5 -3.30 4.12 -6.14
CA VAL A 5 -1.99 3.56 -5.86
C VAL A 5 -1.95 2.06 -6.17
N SER A 6 -0.90 1.64 -6.86
CA SER A 6 -0.75 0.23 -7.23
C SER A 6 0.63 -0.29 -6.84
N CYS A 7 0.80 -1.61 -6.89
CA CYS A 7 2.07 -2.23 -6.55
C CYS A 7 2.60 -3.06 -7.71
N PRO A 8 3.09 -2.39 -8.75
CA PRO A 8 3.64 -3.05 -9.95
C PRO A 8 4.96 -3.76 -9.66
N ASP A 9 5.74 -3.19 -8.76
CA ASP A 9 7.03 -3.78 -8.39
C ASP A 9 6.88 -5.24 -8.02
N GLY A 10 5.72 -5.59 -7.46
CA GLY A 10 5.47 -6.96 -7.06
C GLY A 10 5.48 -7.13 -5.56
N TYR A 11 4.94 -6.15 -4.84
CA TYR A 11 4.89 -6.20 -3.38
C TYR A 11 3.46 -6.36 -2.89
N THR A 12 3.31 -6.59 -1.59
CA THR A 12 1.99 -6.77 -0.99
C THR A 12 1.49 -5.46 -0.37
N CYS A 13 0.18 -5.30 -0.35
CA CYS A 13 -0.43 -4.10 0.22
C CYS A 13 -0.52 -4.18 1.74
N CYS A 14 0.06 -3.19 2.41
CA CYS A 14 0.05 -3.15 3.87
C CYS A 14 -0.60 -1.88 4.38
N ARG A 15 -0.80 -1.80 5.69
CA ARG A 15 -1.42 -0.63 6.30
C ARG A 15 -0.50 -0.02 7.35
N LEU A 16 -0.35 1.31 7.29
CA LEU A 16 0.51 2.01 8.23
C LEU A 16 -0.30 2.52 9.42
N GLN A 17 0.29 2.43 10.61
CA GLN A 17 -0.37 2.88 11.83
C GLN A 17 -0.76 4.36 11.73
N SER A 18 0.09 5.14 11.07
CA SER A 18 -0.17 6.56 10.90
C SER A 18 -1.54 6.81 10.27
N GLY A 19 -1.93 5.92 9.36
CA GLY A 19 -3.20 6.05 8.70
C GLY A 19 -3.07 6.20 7.19
N ALA A 20 -2.11 5.49 6.61
CA ALA A 20 -1.88 5.55 5.18
C ALA A 20 -1.77 4.16 4.57
N TRP A 21 -1.81 4.08 3.25
CA TRP A 21 -1.71 2.80 2.55
C TRP A 21 -0.36 2.64 1.89
N GLY A 22 0.44 1.72 2.39
CA GLY A 22 1.76 1.48 1.83
C GLY A 22 1.87 0.14 1.13
N CYS A 23 3.09 -0.25 0.78
CA CYS A 23 3.33 -1.51 0.10
C CYS A 23 4.63 -2.16 0.58
N CYS A 24 4.53 -3.38 1.08
CA CYS A 24 5.69 -4.11 1.57
C CYS A 24 6.26 -5.01 0.49
N CYS A 1 -2.65 -0.13 -2.42
CA CYS A 1 -3.96 -0.72 -2.71
C CYS A 1 -5.02 0.37 -2.87
N ASP A 2 -4.67 1.43 -3.61
CA ASP A 2 -5.60 2.53 -3.84
C ASP A 2 -5.31 3.20 -5.18
N MET A 3 -6.14 4.18 -5.53
CA MET A 3 -5.99 4.90 -6.79
C MET A 3 -4.74 5.78 -6.76
N GLU A 4 -4.51 6.43 -5.62
CA GLU A 4 -3.35 7.29 -5.46
C GLU A 4 -2.05 6.49 -5.54
N VAL A 5 -1.98 5.41 -4.77
CA VAL A 5 -0.80 4.56 -4.76
C VAL A 5 -1.17 3.10 -4.99
N SER A 6 -0.39 2.42 -5.81
CA SER A 6 -0.62 1.01 -6.12
C SER A 6 0.67 0.20 -6.06
N CYS A 7 0.54 -1.12 -6.15
CA CYS A 7 1.70 -2.00 -6.10
C CYS A 7 1.61 -3.07 -7.19
N PRO A 8 1.83 -2.67 -8.44
CA PRO A 8 1.78 -3.57 -9.59
C PRO A 8 2.94 -4.56 -9.60
N ASP A 9 4.09 -4.13 -9.10
CA ASP A 9 5.28 -4.97 -9.05
C ASP A 9 4.96 -6.31 -8.38
N GLY A 10 4.01 -6.29 -7.45
CA GLY A 10 3.63 -7.51 -6.75
C GLY A 10 4.07 -7.49 -5.30
N TYR A 11 3.93 -6.35 -4.65
CA TYR A 11 4.32 -6.21 -3.25
C TYR A 11 3.12 -6.47 -2.33
N THR A 12 3.40 -6.57 -1.03
CA THR A 12 2.35 -6.81 -0.05
C THR A 12 1.75 -5.51 0.46
N CYS A 13 0.44 -5.49 0.62
CA CYS A 13 -0.25 -4.31 1.11
C CYS A 13 -0.35 -4.31 2.64
N CYS A 14 0.19 -3.28 3.27
CA CYS A 14 0.16 -3.16 4.71
C CYS A 14 -0.53 -1.87 5.15
N ARG A 15 -0.62 -1.67 6.46
CA ARG A 15 -1.26 -0.48 7.01
C ARG A 15 -0.25 0.38 7.77
N LEU A 16 -0.42 1.70 7.69
CA LEU A 16 0.47 2.62 8.37
C LEU A 16 -0.25 3.35 9.50
N GLN A 17 0.37 3.36 10.68
CA GLN A 17 -0.22 4.01 11.85
C GLN A 17 -0.54 5.48 11.54
N SER A 18 0.31 6.11 10.75
CA SER A 18 0.12 7.51 10.38
C SER A 18 -1.28 7.73 9.82
N GLY A 19 -1.77 6.75 9.07
CA GLY A 19 -3.10 6.85 8.48
C GLY A 19 -3.05 6.77 6.96
N ALA A 20 -2.23 5.86 6.44
CA ALA A 20 -2.11 5.69 5.00
C ALA A 20 -1.92 4.23 4.64
N TRP A 21 -1.91 3.93 3.34
CA TRP A 21 -1.73 2.56 2.87
C TRP A 21 -0.38 2.41 2.17
N GLY A 22 0.52 1.65 2.79
CA GLY A 22 1.83 1.43 2.22
C GLY A 22 2.05 -0.01 1.79
N CYS A 23 3.23 -0.29 1.24
CA CYS A 23 3.55 -1.64 0.78
C CYS A 23 4.76 -2.18 1.53
N CYS A 24 4.87 -3.51 1.59
CA CYS A 24 5.98 -4.16 2.27
C CYS A 24 6.62 -5.23 1.39
N CYS A 1 -2.57 -1.51 -5.62
CA CYS A 1 -3.61 -2.39 -5.13
C CYS A 1 -5.00 -1.89 -5.52
N ASP A 2 -5.16 -0.57 -5.52
CA ASP A 2 -6.43 0.05 -5.88
C ASP A 2 -6.25 0.99 -7.07
N MET A 3 -7.37 1.54 -7.54
CA MET A 3 -7.34 2.46 -8.68
C MET A 3 -6.47 3.67 -8.38
N GLU A 4 -6.54 4.16 -7.15
CA GLU A 4 -5.75 5.31 -6.74
C GLU A 4 -4.27 4.99 -6.73
N VAL A 5 -3.85 4.19 -5.75
CA VAL A 5 -2.44 3.80 -5.62
C VAL A 5 -2.20 2.42 -6.22
N SER A 6 -1.07 2.28 -6.92
CA SER A 6 -0.72 1.00 -7.54
C SER A 6 0.62 0.50 -7.01
N CYS A 7 0.66 -0.79 -6.67
CA CYS A 7 1.87 -1.40 -6.16
C CYS A 7 2.41 -2.45 -7.13
N PRO A 8 3.00 -1.98 -8.25
CA PRO A 8 3.56 -2.85 -9.27
C PRO A 8 4.82 -3.57 -8.79
N ASP A 9 5.58 -2.91 -7.92
CA ASP A 9 6.81 -3.49 -7.40
C ASP A 9 6.56 -4.88 -6.82
N GLY A 10 5.34 -5.10 -6.32
CA GLY A 10 5.00 -6.38 -5.75
C GLY A 10 4.84 -6.33 -4.25
N TYR A 11 4.23 -5.26 -3.76
CA TYR A 11 4.02 -5.09 -2.32
C TYR A 11 2.54 -5.16 -1.98
N THR A 12 2.24 -5.60 -0.75
CA THR A 12 0.87 -5.72 -0.29
C THR A 12 0.41 -4.43 0.39
N CYS A 13 -0.83 -4.04 0.13
CA CYS A 13 -1.39 -2.83 0.74
C CYS A 13 -1.86 -3.10 2.16
N CYS A 14 -1.17 -2.51 3.13
CA CYS A 14 -1.52 -2.69 4.53
C CYS A 14 -1.50 -1.35 5.27
N ARG A 15 -1.79 -1.39 6.56
CA ARG A 15 -1.82 -0.18 7.38
C ARG A 15 -0.61 -0.13 8.31
N LEU A 16 0.03 1.03 8.38
CA LEU A 16 1.21 1.20 9.24
C LEU A 16 0.80 1.67 10.63
N GLN A 17 1.57 1.28 11.63
CA GLN A 17 1.30 1.66 13.01
C GLN A 17 1.12 3.17 13.13
N SER A 18 1.88 3.92 12.34
CA SER A 18 1.81 5.37 12.36
C SER A 18 0.38 5.85 12.17
N GLY A 19 -0.37 5.13 11.34
CA GLY A 19 -1.75 5.49 11.09
C GLY A 19 -1.97 6.01 9.68
N ALA A 20 -1.41 5.30 8.70
CA ALA A 20 -1.54 5.71 7.30
C ALA A 20 -1.58 4.49 6.39
N TRP A 21 -2.01 4.70 5.14
CA TRP A 21 -2.09 3.62 4.18
C TRP A 21 -0.82 3.53 3.33
N GLY A 22 -0.31 2.32 3.17
CA GLY A 22 0.90 2.12 2.39
C GLY A 22 1.16 0.66 2.08
N CYS A 23 2.13 0.41 1.21
CA CYS A 23 2.49 -0.96 0.83
C CYS A 23 3.63 -1.48 1.67
N CYS A 24 3.50 -2.73 2.13
CA CYS A 24 4.53 -3.35 2.95
C CYS A 24 4.91 -4.72 2.39
N CYS A 1 -2.71 0.24 -1.29
CA CYS A 1 -3.07 -0.17 -2.64
C CYS A 1 -4.44 0.35 -3.03
N ASP A 2 -4.50 1.16 -4.09
CA ASP A 2 -5.75 1.72 -4.56
C ASP A 2 -5.68 2.00 -6.06
N MET A 3 -6.83 2.36 -6.64
CA MET A 3 -6.90 2.65 -8.07
C MET A 3 -5.85 3.68 -8.46
N GLU A 4 -5.75 4.75 -7.68
CA GLU A 4 -4.79 5.81 -7.95
C GLU A 4 -3.36 5.30 -7.77
N VAL A 5 -3.04 4.86 -6.56
CA VAL A 5 -1.71 4.34 -6.26
C VAL A 5 -1.70 2.82 -6.24
N SER A 6 -1.18 2.22 -7.30
CA SER A 6 -1.12 0.77 -7.40
C SER A 6 0.27 0.25 -7.03
N CYS A 7 0.37 -1.05 -6.75
CA CYS A 7 1.63 -1.66 -6.38
C CYS A 7 2.10 -2.64 -7.45
N PRO A 8 2.58 -2.11 -8.59
CA PRO A 8 3.06 -2.92 -9.71
C PRO A 8 4.36 -3.63 -9.38
N ASP A 9 5.19 -3.00 -8.55
CA ASP A 9 6.47 -3.57 -8.16
C ASP A 9 6.29 -4.99 -7.64
N GLY A 10 5.14 -5.26 -7.03
CA GLY A 10 4.87 -6.58 -6.50
C GLY A 10 4.85 -6.60 -4.99
N TYR A 11 4.28 -5.56 -4.39
CA TYR A 11 4.20 -5.46 -2.95
C TYR A 11 2.83 -5.90 -2.43
N THR A 12 2.77 -6.29 -1.16
CA THR A 12 1.52 -6.74 -0.56
C THR A 12 0.77 -5.56 0.06
N CYS A 13 -0.52 -5.76 0.31
CA CYS A 13 -1.35 -4.73 0.91
C CYS A 13 -1.36 -4.84 2.43
N CYS A 14 -0.94 -3.76 3.10
CA CYS A 14 -0.90 -3.74 4.55
C CYS A 14 -1.15 -2.33 5.09
N ARG A 15 -1.14 -2.18 6.41
CA ARG A 15 -1.37 -0.89 7.04
C ARG A 15 -0.14 -0.44 7.82
N LEU A 16 -0.04 0.87 8.04
CA LEU A 16 1.09 1.43 8.77
C LEU A 16 0.74 1.65 10.23
N GLN A 17 1.73 1.51 11.11
CA GLN A 17 1.52 1.69 12.54
C GLN A 17 0.86 3.04 12.82
N SER A 18 1.31 4.08 12.12
CA SER A 18 0.76 5.41 12.30
C SER A 18 -0.75 5.41 12.15
N GLY A 19 -1.26 4.57 11.26
CA GLY A 19 -2.68 4.49 11.04
C GLY A 19 -3.09 4.91 9.64
N ALA A 20 -2.30 4.49 8.65
CA ALA A 20 -2.58 4.83 7.26
C ALA A 20 -2.52 3.60 6.37
N TRP A 21 -2.69 3.80 5.07
CA TRP A 21 -2.67 2.69 4.12
C TRP A 21 -1.35 2.68 3.34
N GLY A 22 -1.01 1.51 2.80
CA GLY A 22 0.22 1.40 2.04
C GLY A 22 0.56 -0.04 1.70
N CYS A 23 1.71 -0.25 1.08
CA CYS A 23 2.15 -1.60 0.71
C CYS A 23 3.23 -2.10 1.66
N CYS A 24 3.53 -3.39 1.58
CA CYS A 24 4.53 -4.00 2.43
C CYS A 24 5.54 -4.79 1.60
N CYS A 1 -4.14 -1.71 -4.32
CA CYS A 1 -4.96 -0.97 -3.36
C CYS A 1 -6.06 -0.20 -4.08
N ASP A 2 -5.67 0.60 -5.07
CA ASP A 2 -6.62 1.40 -5.83
C ASP A 2 -5.98 1.98 -7.08
N MET A 3 -6.79 2.58 -7.94
CA MET A 3 -6.29 3.19 -9.17
C MET A 3 -5.29 4.29 -8.87
N GLU A 4 -5.67 5.19 -7.97
CA GLU A 4 -4.80 6.31 -7.60
C GLU A 4 -3.45 5.80 -7.09
N VAL A 5 -3.50 4.82 -6.20
CA VAL A 5 -2.29 4.24 -5.63
C VAL A 5 -2.22 2.73 -5.87
N SER A 6 -1.27 2.32 -6.70
CA SER A 6 -1.09 0.91 -7.02
C SER A 6 0.22 0.38 -6.46
N CYS A 7 0.48 -0.90 -6.71
CA CYS A 7 1.70 -1.53 -6.21
C CYS A 7 2.43 -2.25 -7.34
N PRO A 8 3.06 -1.47 -8.23
CA PRO A 8 3.81 -2.01 -9.38
C PRO A 8 5.09 -2.72 -8.94
N ASP A 9 5.69 -2.25 -7.86
CA ASP A 9 6.91 -2.85 -7.35
C ASP A 9 6.75 -4.36 -7.18
N GLY A 10 5.53 -4.79 -6.87
CA GLY A 10 5.27 -6.20 -6.69
C GLY A 10 5.15 -6.58 -5.23
N TYR A 11 4.51 -5.72 -4.44
CA TYR A 11 4.35 -5.97 -3.01
C TYR A 11 2.86 -6.04 -2.64
N THR A 12 2.59 -6.40 -1.40
CA THR A 12 1.22 -6.50 -0.92
C THR A 12 0.79 -5.23 -0.18
N CYS A 13 -0.50 -4.99 -0.13
CA CYS A 13 -1.03 -3.81 0.55
C CYS A 13 -1.11 -4.03 2.05
N CYS A 14 -0.25 -3.34 2.80
CA CYS A 14 -0.21 -3.46 4.25
C CYS A 14 -0.58 -2.14 4.92
N ARG A 15 -0.60 -2.15 6.25
CA ARG A 15 -0.93 -0.95 7.01
C ARG A 15 0.30 -0.40 7.73
N LEU A 16 0.35 0.92 7.89
CA LEU A 16 1.47 1.56 8.56
C LEU A 16 1.08 2.00 9.97
N GLN A 17 1.95 1.72 10.94
CA GLN A 17 1.69 2.09 12.32
C GLN A 17 1.43 3.59 12.45
N SER A 18 2.17 4.38 11.68
CA SER A 18 2.02 5.82 11.71
C SER A 18 0.57 6.23 11.47
N GLY A 19 -0.11 5.48 10.60
CA GLY A 19 -1.50 5.77 10.30
C GLY A 19 -1.71 6.11 8.85
N ALA A 20 -1.10 5.33 7.96
CA ALA A 20 -1.23 5.56 6.53
C ALA A 20 -1.28 4.23 5.77
N TRP A 21 -1.52 4.31 4.46
CA TRP A 21 -1.60 3.13 3.62
C TRP A 21 -0.32 2.94 2.81
N GLY A 22 0.31 1.78 2.95
CA GLY A 22 1.54 1.51 2.23
C GLY A 22 1.58 0.09 1.68
N CYS A 23 2.68 -0.23 1.01
CA CYS A 23 2.84 -1.57 0.43
C CYS A 23 4.03 -2.29 1.05
N CYS A 24 3.74 -3.40 1.73
CA CYS A 24 4.78 -4.19 2.38
C CYS A 24 5.35 -5.25 1.42
N CYS A 1 -5.99 -4.16 -3.46
CA CYS A 1 -5.64 -2.76 -3.65
C CYS A 1 -6.67 -2.05 -4.51
N ASP A 2 -6.36 -0.82 -4.92
CA ASP A 2 -7.26 -0.04 -5.75
C ASP A 2 -6.48 0.90 -6.68
N MET A 3 -7.19 1.54 -7.60
CA MET A 3 -6.57 2.46 -8.54
C MET A 3 -5.79 3.55 -7.80
N GLU A 4 -6.47 4.24 -6.89
CA GLU A 4 -5.85 5.30 -6.11
C GLU A 4 -4.57 4.82 -5.44
N VAL A 5 -4.63 3.60 -4.89
CA VAL A 5 -3.48 3.01 -4.21
C VAL A 5 -3.05 1.72 -4.89
N SER A 6 -2.07 1.82 -5.78
CA SER A 6 -1.56 0.66 -6.50
C SER A 6 -0.19 0.25 -5.98
N CYS A 7 0.38 -0.78 -6.58
CA CYS A 7 1.70 -1.27 -6.18
C CYS A 7 2.43 -1.89 -7.36
N PRO A 8 2.92 -1.02 -8.27
CA PRO A 8 3.65 -1.46 -9.46
C PRO A 8 5.03 -2.03 -9.13
N ASP A 9 5.64 -1.51 -8.06
CA ASP A 9 6.96 -1.97 -7.63
C ASP A 9 6.97 -3.49 -7.49
N GLY A 10 5.82 -4.07 -7.15
CA GLY A 10 5.74 -5.51 -6.99
C GLY A 10 5.63 -5.93 -5.53
N TYR A 11 4.86 -5.18 -4.76
CA TYR A 11 4.68 -5.46 -3.35
C TYR A 11 3.20 -5.57 -2.99
N THR A 12 2.91 -5.83 -1.72
CA THR A 12 1.53 -5.96 -1.26
C THR A 12 1.10 -4.71 -0.51
N CYS A 13 -0.07 -4.19 -0.84
CA CYS A 13 -0.60 -3.00 -0.19
C CYS A 13 -1.24 -3.35 1.15
N CYS A 14 -0.88 -2.59 2.19
CA CYS A 14 -1.40 -2.83 3.52
C CYS A 14 -1.46 -1.52 4.32
N ARG A 15 -1.94 -1.61 5.55
CA ARG A 15 -2.05 -0.44 6.41
C ARG A 15 -0.95 -0.42 7.47
N LEU A 16 -0.34 0.74 7.68
CA LEU A 16 0.73 0.89 8.66
C LEU A 16 0.16 1.26 10.03
N GLN A 17 0.59 0.53 11.05
CA GLN A 17 0.12 0.77 12.41
C GLN A 17 0.35 2.23 12.80
N SER A 18 1.50 2.78 12.40
CA SER A 18 1.84 4.16 12.71
C SER A 18 0.71 5.10 12.30
N GLY A 19 0.06 4.78 11.19
CA GLY A 19 -1.03 5.61 10.70
C GLY A 19 -0.76 6.16 9.32
N ALA A 20 -0.38 5.29 8.39
CA ALA A 20 -0.09 5.69 7.03
C ALA A 20 -0.34 4.55 6.04
N TRP A 21 -0.25 4.84 4.76
CA TRP A 21 -0.47 3.84 3.72
C TRP A 21 0.81 3.55 2.96
N GLY A 22 1.05 2.27 2.66
CA GLY A 22 2.25 1.88 1.95
C GLY A 22 2.19 0.45 1.47
N CYS A 23 3.29 -0.02 0.88
CA CYS A 23 3.37 -1.38 0.37
C CYS A 23 4.36 -2.22 1.18
N CYS A 24 3.85 -3.20 1.91
CA CYS A 24 4.70 -4.06 2.73
C CYS A 24 4.85 -5.44 2.08
N CYS A 1 -2.88 1.09 -1.67
CA CYS A 1 -3.85 0.09 -2.11
C CYS A 1 -5.16 0.75 -2.53
N ASP A 2 -5.05 1.89 -3.22
CA ASP A 2 -6.21 2.62 -3.68
C ASP A 2 -6.46 2.37 -5.16
N MET A 3 -7.54 2.95 -5.68
CA MET A 3 -7.89 2.78 -7.09
C MET A 3 -6.79 3.34 -7.99
N GLU A 4 -6.23 4.47 -7.59
CA GLU A 4 -5.16 5.11 -8.36
C GLU A 4 -3.79 4.64 -7.89
N VAL A 5 -3.65 4.47 -6.57
CA VAL A 5 -2.40 4.02 -5.98
C VAL A 5 -2.35 2.50 -5.89
N SER A 6 -1.64 1.88 -6.82
CA SER A 6 -1.51 0.43 -6.84
C SER A 6 -0.16 0.00 -6.29
N CYS A 7 0.11 -1.31 -6.36
CA CYS A 7 1.37 -1.85 -5.87
C CYS A 7 2.20 -2.42 -7.01
N PRO A 8 2.79 -1.51 -7.81
CA PRO A 8 3.63 -1.90 -8.96
C PRO A 8 4.95 -2.53 -8.53
N ASP A 9 5.46 -2.09 -7.38
CA ASP A 9 6.73 -2.61 -6.86
C ASP A 9 6.70 -4.14 -6.82
N GLY A 10 5.51 -4.70 -6.62
CA GLY A 10 5.38 -6.15 -6.55
C GLY A 10 5.24 -6.65 -5.13
N TYR A 11 4.47 -5.93 -4.33
CA TYR A 11 4.25 -6.31 -2.94
C TYR A 11 2.77 -6.41 -2.62
N THR A 12 2.45 -6.76 -1.38
CA THR A 12 1.06 -6.89 -0.95
C THR A 12 0.57 -5.60 -0.29
N CYS A 13 -0.75 -5.50 -0.12
CA CYS A 13 -1.35 -4.32 0.50
C CYS A 13 -1.23 -4.39 2.01
N CYS A 14 -0.63 -3.36 2.60
CA CYS A 14 -0.45 -3.30 4.05
C CYS A 14 -0.72 -1.89 4.57
N ARG A 15 -0.65 -1.73 5.89
CA ARG A 15 -0.89 -0.43 6.51
C ARG A 15 0.25 -0.08 7.47
N LEU A 16 0.26 1.18 7.91
CA LEU A 16 1.29 1.65 8.83
C LEU A 16 0.72 1.92 10.21
N GLN A 17 1.55 1.77 11.24
CA GLN A 17 1.11 1.99 12.61
C GLN A 17 0.44 3.35 12.76
N SER A 18 1.06 4.37 12.16
CA SER A 18 0.53 5.72 12.23
C SER A 18 -0.92 5.76 11.79
N GLY A 19 -1.26 4.94 10.80
CA GLY A 19 -2.62 4.89 10.30
C GLY A 19 -2.71 5.32 8.84
N ALA A 20 -1.85 4.74 8.00
CA ALA A 20 -1.85 5.07 6.58
C ALA A 20 -1.76 3.80 5.73
N TRP A 21 -1.91 3.98 4.42
CA TRP A 21 -1.85 2.84 3.50
C TRP A 21 -0.42 2.64 2.97
N GLY A 22 -0.16 1.45 2.45
CA GLY A 22 1.16 1.15 1.93
C GLY A 22 1.29 -0.29 1.48
N CYS A 23 2.50 -0.70 1.15
CA CYS A 23 2.77 -2.06 0.70
C CYS A 23 3.94 -2.68 1.47
N CYS A 24 3.85 -3.97 1.74
CA CYS A 24 4.89 -4.68 2.46
C CYS A 24 5.06 -6.10 1.94
N CYS A 1 -3.69 -2.47 -6.03
CA CYS A 1 -5.00 -3.08 -5.84
C CYS A 1 -6.12 -2.12 -6.25
N ASP A 2 -5.93 -0.84 -5.95
CA ASP A 2 -6.92 0.17 -6.28
C ASP A 2 -6.40 1.09 -7.40
N MET A 3 -7.33 1.65 -8.17
CA MET A 3 -6.96 2.54 -9.27
C MET A 3 -6.11 3.70 -8.76
N GLU A 4 -6.49 4.26 -7.63
CA GLU A 4 -5.76 5.38 -7.05
C GLU A 4 -4.48 4.89 -6.37
N VAL A 5 -4.61 3.88 -5.52
CA VAL A 5 -3.46 3.32 -4.81
C VAL A 5 -3.05 1.99 -5.40
N SER A 6 -1.83 1.92 -5.93
CA SER A 6 -1.33 0.69 -6.54
C SER A 6 -0.03 0.26 -5.86
N CYS A 7 0.49 -0.89 -6.27
CA CYS A 7 1.72 -1.43 -5.70
C CYS A 7 2.63 -1.99 -6.80
N PRO A 8 3.25 -1.08 -7.57
CA PRO A 8 4.15 -1.46 -8.66
C PRO A 8 5.45 -2.07 -8.15
N ASP A 9 5.91 -1.59 -7.00
CA ASP A 9 7.14 -2.08 -6.40
C ASP A 9 7.13 -3.60 -6.30
N GLY A 10 5.93 -4.18 -6.13
CA GLY A 10 5.81 -5.61 -6.01
C GLY A 10 5.43 -6.05 -4.61
N TYR A 11 4.53 -5.30 -3.98
CA TYR A 11 4.08 -5.62 -2.62
C TYR A 11 2.56 -5.57 -2.53
N THR A 12 2.03 -6.03 -1.40
CA THR A 12 0.60 -6.05 -1.18
C THR A 12 0.12 -4.76 -0.52
N CYS A 13 -1.17 -4.48 -0.63
CA CYS A 13 -1.75 -3.29 -0.05
C CYS A 13 -2.03 -3.49 1.44
N CYS A 14 -1.38 -2.67 2.27
CA CYS A 14 -1.55 -2.75 3.71
C CYS A 14 -1.37 -1.38 4.36
N ARG A 15 -1.55 -1.32 5.68
CA ARG A 15 -1.40 -0.07 6.42
C ARG A 15 -0.37 -0.23 7.53
N LEU A 16 0.24 0.89 7.93
CA LEU A 16 1.25 0.88 8.98
C LEU A 16 0.68 1.44 10.28
N GLN A 17 1.40 1.23 11.37
CA GLN A 17 0.96 1.70 12.68
C GLN A 17 0.62 3.18 12.64
N SER A 18 1.45 3.96 11.94
CA SER A 18 1.23 5.40 11.82
C SER A 18 -0.19 5.70 11.34
N GLY A 19 -0.71 4.83 10.49
CA GLY A 19 -2.05 5.01 9.96
C GLY A 19 -2.08 5.14 8.45
N ALA A 20 -1.00 5.68 7.89
CA ALA A 20 -0.91 5.87 6.45
C ALA A 20 -0.91 4.53 5.72
N TRP A 21 -1.20 4.56 4.43
CA TRP A 21 -1.24 3.35 3.62
C TRP A 21 0.14 3.05 3.01
N GLY A 22 0.45 1.77 2.86
CA GLY A 22 1.73 1.38 2.30
C GLY A 22 1.64 0.10 1.50
N CYS A 23 2.71 -0.24 0.81
CA CYS A 23 2.75 -1.46 -0.01
C CYS A 23 3.73 -2.47 0.58
N CYS A 24 3.21 -3.36 1.42
CA CYS A 24 4.03 -4.39 2.05
C CYS A 24 3.59 -5.77 1.62
N CYS A 1 -3.86 -2.46 -7.07
CA CYS A 1 -4.51 -2.38 -5.77
C CYS A 1 -5.71 -1.44 -5.82
N ASP A 2 -5.49 -0.24 -6.31
CA ASP A 2 -6.56 0.75 -6.42
C ASP A 2 -6.58 1.39 -7.80
N MET A 3 -7.57 2.24 -8.05
CA MET A 3 -7.70 2.91 -9.33
C MET A 3 -6.60 3.97 -9.50
N GLU A 4 -6.25 4.64 -8.41
CA GLU A 4 -5.22 5.67 -8.44
C GLU A 4 -3.94 5.17 -7.78
N VAL A 5 -4.09 4.48 -6.65
CA VAL A 5 -2.94 3.95 -5.93
C VAL A 5 -2.68 2.49 -6.31
N SER A 6 -1.56 2.26 -6.98
CA SER A 6 -1.19 0.91 -7.41
C SER A 6 0.11 0.47 -6.75
N CYS A 7 0.33 -0.84 -6.70
CA CYS A 7 1.53 -1.40 -6.09
C CYS A 7 2.39 -2.11 -7.13
N PRO A 8 3.06 -1.30 -7.99
CA PRO A 8 3.93 -1.83 -9.04
C PRO A 8 5.20 -2.46 -8.49
N ASP A 9 5.68 -1.93 -7.37
CA ASP A 9 6.89 -2.44 -6.74
C ASP A 9 6.79 -3.95 -6.55
N GLY A 10 5.58 -4.44 -6.34
CA GLY A 10 5.37 -5.86 -6.14
C GLY A 10 5.17 -6.22 -4.67
N TYR A 11 4.42 -5.38 -3.96
CA TYR A 11 4.16 -5.60 -2.55
C TYR A 11 2.66 -5.67 -2.28
N THR A 12 2.29 -5.88 -1.02
CA THR A 12 0.89 -5.96 -0.62
C THR A 12 0.45 -4.70 0.10
N CYS A 13 -0.81 -4.33 -0.08
CA CYS A 13 -1.36 -3.14 0.55
C CYS A 13 -1.74 -3.42 2.00
N CYS A 14 -0.88 -3.00 2.93
CA CYS A 14 -1.12 -3.21 4.35
C CYS A 14 -0.94 -1.91 5.12
N ARG A 15 -1.49 -1.87 6.34
CA ARG A 15 -1.39 -0.69 7.18
C ARG A 15 -0.21 -0.79 8.13
N LEU A 16 0.39 0.34 8.45
CA LEU A 16 1.55 0.39 9.35
C LEU A 16 1.11 0.76 10.77
N GLN A 17 2.06 0.71 11.70
CA GLN A 17 1.78 1.05 13.09
C GLN A 17 1.09 2.40 13.19
N SER A 18 1.66 3.40 12.50
CA SER A 18 1.10 4.74 12.52
C SER A 18 -0.39 4.73 12.18
N GLY A 19 -0.77 3.82 11.29
CA GLY A 19 -2.16 3.71 10.89
C GLY A 19 -2.37 3.96 9.40
N ALA A 20 -1.51 4.78 8.82
CA ALA A 20 -1.60 5.09 7.40
C ALA A 20 -1.43 3.83 6.55
N TRP A 21 -1.65 3.97 5.25
CA TRP A 21 -1.53 2.84 4.33
C TRP A 21 -0.11 2.74 3.78
N GLY A 22 0.17 1.63 3.09
CA GLY A 22 1.50 1.43 2.53
C GLY A 22 1.66 0.07 1.89
N CYS A 23 2.71 -0.08 1.08
CA CYS A 23 2.97 -1.35 0.40
C CYS A 23 4.09 -2.11 1.09
N CYS A 24 3.79 -3.32 1.55
CA CYS A 24 4.77 -4.15 2.23
C CYS A 24 5.00 -5.46 1.46
N CYS A 1 -4.25 1.03 -0.99
CA CYS A 1 -4.35 0.64 -2.40
C CYS A 1 -5.58 1.27 -3.03
N ASP A 2 -5.42 1.76 -4.25
CA ASP A 2 -6.52 2.38 -4.99
C ASP A 2 -6.10 2.74 -6.41
N MET A 3 -7.04 3.24 -7.19
CA MET A 3 -6.76 3.63 -8.57
C MET A 3 -5.67 4.69 -8.63
N GLU A 4 -5.66 5.59 -7.66
CA GLU A 4 -4.67 6.65 -7.60
C GLU A 4 -3.26 6.07 -7.47
N VAL A 5 -3.06 5.23 -6.47
CA VAL A 5 -1.76 4.61 -6.24
C VAL A 5 -1.89 3.09 -6.15
N SER A 6 -1.07 2.38 -6.91
CA SER A 6 -1.09 0.92 -6.92
C SER A 6 0.21 0.35 -6.36
N CYS A 7 0.33 -0.96 -6.41
CA CYS A 7 1.53 -1.64 -5.90
C CYS A 7 2.30 -2.31 -7.03
N PRO A 8 2.98 -1.48 -7.85
CA PRO A 8 3.76 -1.97 -8.98
C PRO A 8 5.02 -2.72 -8.54
N ASP A 9 5.58 -2.30 -7.41
CA ASP A 9 6.79 -2.92 -6.88
C ASP A 9 6.61 -4.44 -6.77
N GLY A 10 5.37 -4.87 -6.53
CA GLY A 10 5.09 -6.28 -6.41
C GLY A 10 4.98 -6.73 -4.97
N TYR A 11 4.36 -5.90 -4.14
CA TYR A 11 4.20 -6.22 -2.72
C TYR A 11 2.73 -6.30 -2.35
N THR A 12 2.46 -6.65 -1.09
CA THR A 12 1.09 -6.78 -0.60
C THR A 12 0.61 -5.47 0.02
N CYS A 13 -0.70 -5.31 0.11
CA CYS A 13 -1.29 -4.11 0.69
C CYS A 13 -1.26 -4.16 2.21
N CYS A 14 -0.74 -3.11 2.83
CA CYS A 14 -0.66 -3.03 4.27
C CYS A 14 -0.79 -1.59 4.76
N ARG A 15 -0.78 -1.42 6.08
CA ARG A 15 -0.91 -0.08 6.66
C ARG A 15 0.23 0.18 7.64
N LEU A 16 0.63 1.45 7.75
CA LEU A 16 1.71 1.83 8.65
C LEU A 16 1.15 2.49 9.92
N GLN A 17 2.01 2.63 10.93
CA GLN A 17 1.61 3.24 12.18
C GLN A 17 0.93 4.59 11.95
N SER A 18 1.51 5.38 11.04
CA SER A 18 0.96 6.69 10.73
C SER A 18 -0.53 6.60 10.39
N GLY A 19 -0.92 5.51 9.74
CA GLY A 19 -2.30 5.31 9.37
C GLY A 19 -2.48 5.16 7.87
N ALA A 20 -1.61 5.82 7.10
CA ALA A 20 -1.68 5.76 5.65
C ALA A 20 -1.44 4.34 5.14
N TRP A 21 -1.78 4.09 3.88
CA TRP A 21 -1.60 2.78 3.28
C TRP A 21 -0.22 2.65 2.63
N GLY A 22 0.31 1.44 2.62
CA GLY A 22 1.62 1.21 2.03
C GLY A 22 1.77 -0.19 1.48
N CYS A 23 2.92 -0.46 0.85
CA CYS A 23 3.18 -1.77 0.27
C CYS A 23 4.15 -2.56 1.15
N CYS A 24 3.65 -3.58 1.82
CA CYS A 24 4.47 -4.42 2.68
C CYS A 24 5.01 -5.63 1.93
N CYS A 1 -2.42 -0.27 -2.00
CA CYS A 1 -3.26 -0.92 -2.99
C CYS A 1 -4.55 -0.13 -3.23
N ASP A 2 -4.42 1.19 -3.31
CA ASP A 2 -5.57 2.07 -3.53
C ASP A 2 -5.65 2.50 -4.99
N MET A 3 -6.72 3.23 -5.33
CA MET A 3 -6.91 3.69 -6.69
C MET A 3 -5.83 4.68 -7.09
N GLU A 4 -5.40 5.51 -6.14
CA GLU A 4 -4.36 6.49 -6.39
C GLU A 4 -2.97 5.89 -6.23
N VAL A 5 -2.78 5.14 -5.14
CA VAL A 5 -1.50 4.50 -4.87
C VAL A 5 -1.52 3.03 -5.28
N SER A 6 -0.84 2.73 -6.39
CA SER A 6 -0.78 1.37 -6.90
C SER A 6 0.48 0.66 -6.40
N CYS A 7 0.54 -0.65 -6.63
CA CYS A 7 1.68 -1.44 -6.21
C CYS A 7 2.36 -2.12 -7.41
N PRO A 8 3.06 -1.32 -8.22
CA PRO A 8 3.76 -1.81 -9.41
C PRO A 8 4.96 -2.68 -9.05
N ASP A 9 5.62 -2.35 -7.94
CA ASP A 9 6.78 -3.10 -7.50
C ASP A 9 6.48 -4.59 -7.43
N GLY A 10 5.21 -4.93 -7.15
CA GLY A 10 4.81 -6.31 -7.06
C GLY A 10 4.83 -6.84 -5.64
N TYR A 11 4.42 -5.99 -4.70
CA TYR A 11 4.38 -6.37 -3.29
C TYR A 11 2.96 -6.62 -2.82
N THR A 12 2.81 -7.03 -1.57
CA THR A 12 1.50 -7.30 -1.00
C THR A 12 0.92 -6.06 -0.33
N CYS A 13 -0.38 -6.08 -0.09
CA CYS A 13 -1.06 -4.96 0.56
C CYS A 13 -0.86 -4.98 2.06
N CYS A 14 -0.40 -3.87 2.62
CA CYS A 14 -0.16 -3.77 4.06
C CYS A 14 -0.63 -2.42 4.59
N ARG A 15 -1.11 -2.42 5.83
CA ARG A 15 -1.60 -1.18 6.46
C ARG A 15 -0.51 -0.55 7.31
N LEU A 16 -0.29 0.75 7.13
CA LEU A 16 0.72 1.47 7.89
C LEU A 16 0.09 2.19 9.08
N GLN A 17 0.82 2.22 10.20
CA GLN A 17 0.33 2.88 11.41
C GLN A 17 -0.10 4.31 11.11
N SER A 18 0.65 4.97 10.23
CA SER A 18 0.34 6.36 9.87
C SER A 18 -1.12 6.50 9.44
N GLY A 19 -1.63 5.47 8.77
CA GLY A 19 -3.01 5.50 8.31
C GLY A 19 -3.12 5.57 6.80
N ALA A 20 -2.34 4.74 6.11
CA ALA A 20 -2.34 4.71 4.66
C ALA A 20 -2.20 3.29 4.14
N TRP A 21 -2.46 3.10 2.85
CA TRP A 21 -2.36 1.78 2.23
C TRP A 21 -1.00 1.60 1.58
N GLY A 22 -0.07 0.98 2.32
CA GLY A 22 1.27 0.75 1.80
C GLY A 22 1.49 -0.69 1.38
N CYS A 23 2.65 -0.96 0.80
CA CYS A 23 2.98 -2.31 0.34
C CYS A 23 4.22 -2.83 1.06
N CYS A 24 4.19 -4.11 1.42
CA CYS A 24 5.30 -4.73 2.12
C CYS A 24 5.46 -6.20 1.70
N CYS A 1 -4.72 3.82 -0.84
CA CYS A 1 -4.96 2.38 -0.78
C CYS A 1 -6.20 2.00 -1.59
N ASP A 2 -6.02 1.82 -2.89
CA ASP A 2 -7.13 1.46 -3.78
C ASP A 2 -6.60 0.99 -5.13
N MET A 3 -7.53 0.63 -6.02
CA MET A 3 -7.16 0.17 -7.35
C MET A 3 -6.23 1.16 -8.03
N GLU A 4 -6.49 2.45 -7.84
CA GLU A 4 -5.67 3.50 -8.44
C GLU A 4 -4.41 3.74 -7.62
N VAL A 5 -4.55 3.64 -6.30
CA VAL A 5 -3.43 3.85 -5.39
C VAL A 5 -2.73 2.54 -5.06
N SER A 6 -1.73 2.19 -5.87
CA SER A 6 -0.99 0.95 -5.67
C SER A 6 0.49 1.24 -5.43
N CYS A 7 1.29 0.18 -5.33
CA CYS A 7 2.72 0.33 -5.11
C CYS A 7 3.48 0.36 -6.42
N PRO A 8 4.72 0.88 -6.38
CA PRO A 8 5.57 0.98 -7.57
C PRO A 8 6.05 -0.37 -8.05
N ASP A 9 6.56 -1.19 -7.13
CA ASP A 9 7.05 -2.52 -7.47
C ASP A 9 5.91 -3.45 -7.83
N GLY A 10 4.74 -3.21 -7.23
CA GLY A 10 3.58 -4.04 -7.50
C GLY A 10 3.21 -4.91 -6.32
N TYR A 11 3.39 -4.39 -5.12
CA TYR A 11 3.07 -5.14 -3.91
C TYR A 11 1.64 -4.84 -3.44
N THR A 12 1.24 -5.46 -2.34
CA THR A 12 -0.09 -5.27 -1.79
C THR A 12 -0.10 -4.11 -0.79
N CYS A 13 -1.27 -3.49 -0.63
CA CYS A 13 -1.43 -2.38 0.29
C CYS A 13 -1.58 -2.87 1.73
N CYS A 14 -0.92 -2.19 2.66
CA CYS A 14 -0.98 -2.55 4.07
C CYS A 14 -1.37 -1.36 4.93
N ARG A 15 -1.46 -1.58 6.24
CA ARG A 15 -1.81 -0.52 7.17
C ARG A 15 -0.69 -0.26 8.16
N LEU A 16 -0.11 0.93 8.09
CA LEU A 16 0.99 1.32 8.98
C LEU A 16 0.45 1.96 10.25
N GLN A 17 1.12 1.70 11.37
CA GLN A 17 0.72 2.26 12.65
C GLN A 17 0.56 3.77 12.56
N SER A 18 1.51 4.42 11.89
CA SER A 18 1.48 5.87 11.73
C SER A 18 0.16 6.32 11.10
N GLY A 19 -0.36 5.51 10.20
CA GLY A 19 -1.61 5.85 9.54
C GLY A 19 -1.44 6.13 8.06
N ALA A 20 -0.73 5.25 7.37
CA ALA A 20 -0.49 5.41 5.94
C ALA A 20 -0.55 4.07 5.22
N TRP A 21 -0.28 4.10 3.91
CA TRP A 21 -0.30 2.88 3.11
C TRP A 21 1.12 2.45 2.74
N GLY A 22 1.41 1.17 2.93
CA GLY A 22 2.73 0.66 2.61
C GLY A 22 2.68 -0.59 1.73
N CYS A 23 3.84 -1.03 1.25
CA CYS A 23 3.92 -2.20 0.40
C CYS A 23 4.10 -3.46 1.24
N CYS A 24 3.34 -4.50 0.91
CA CYS A 24 3.42 -5.77 1.63
C CYS A 24 3.53 -6.94 0.65
N CYS A 1 -1.90 2.32 -0.45
CA CYS A 1 -2.39 1.44 -1.51
C CYS A 1 -3.81 1.82 -1.91
N ASP A 2 -4.20 1.44 -3.12
CA ASP A 2 -5.53 1.74 -3.63
C ASP A 2 -5.78 1.04 -4.96
N MET A 3 -7.03 1.04 -5.40
CA MET A 3 -7.40 0.39 -6.66
C MET A 3 -6.67 1.03 -7.83
N GLU A 4 -6.60 2.36 -7.83
CA GLU A 4 -5.92 3.09 -8.89
C GLU A 4 -4.47 3.38 -8.52
N VAL A 5 -4.24 3.72 -7.26
CA VAL A 5 -2.90 4.01 -6.78
C VAL A 5 -2.22 2.76 -6.25
N SER A 6 -1.06 2.44 -6.84
CA SER A 6 -0.32 1.26 -6.42
C SER A 6 1.20 1.53 -6.47
N CYS A 7 1.97 0.58 -5.97
CA CYS A 7 3.43 0.72 -5.95
C CYS A 7 4.04 0.14 -7.22
N PRO A 8 5.29 0.55 -7.52
CA PRO A 8 6.01 0.08 -8.71
C PRO A 8 6.41 -1.38 -8.60
N ASP A 9 6.99 -1.76 -7.47
CA ASP A 9 7.41 -3.13 -7.24
C ASP A 9 6.28 -4.11 -7.52
N GLY A 10 5.05 -3.66 -7.29
CA GLY A 10 3.89 -4.50 -7.52
C GLY A 10 3.54 -5.35 -6.32
N TYR A 11 3.64 -4.76 -5.14
CA TYR A 11 3.33 -5.46 -3.89
C TYR A 11 1.86 -5.31 -3.52
N THR A 12 1.47 -5.91 -2.42
CA THR A 12 0.09 -5.84 -1.95
C THR A 12 -0.12 -4.64 -1.03
N CYS A 13 -1.37 -4.41 -0.65
CA CYS A 13 -1.71 -3.30 0.23
C CYS A 13 -1.42 -3.66 1.69
N CYS A 14 -0.70 -2.77 2.38
CA CYS A 14 -0.36 -3.01 3.78
C CYS A 14 -0.85 -1.84 4.65
N ARG A 15 -0.60 -1.95 5.96
CA ARG A 15 -1.02 -0.92 6.90
C ARG A 15 0.15 -0.48 7.77
N LEU A 16 0.34 0.83 7.88
CA LEU A 16 1.43 1.38 8.69
C LEU A 16 0.97 1.61 10.13
N GLN A 17 1.84 1.29 11.08
CA GLN A 17 1.53 1.47 12.49
C GLN A 17 1.05 2.89 12.77
N SER A 18 1.80 3.87 12.26
CA SER A 18 1.46 5.27 12.46
C SER A 18 0.03 5.55 12.00
N GLY A 19 -0.39 4.88 10.94
CA GLY A 19 -1.73 5.06 10.41
C GLY A 19 -1.73 5.57 8.99
N ALA A 20 -0.74 5.14 8.21
CA ALA A 20 -0.64 5.57 6.82
C ALA A 20 -0.82 4.38 5.88
N TRP A 21 -0.87 4.66 4.58
CA TRP A 21 -1.03 3.62 3.58
C TRP A 21 0.30 3.26 2.92
N GLY A 22 0.51 1.98 2.66
CA GLY A 22 1.75 1.55 2.04
C GLY A 22 1.57 0.27 1.24
N CYS A 23 2.68 -0.29 0.78
CA CYS A 23 2.65 -1.52 -0.02
C CYS A 23 3.60 -2.56 0.57
N CYS A 24 3.06 -3.72 0.94
CA CYS A 24 3.86 -4.79 1.51
C CYS A 24 4.28 -5.78 0.42
N CYS A 1 -2.56 1.16 -1.63
CA CYS A 1 -3.61 0.43 -2.33
C CYS A 1 -4.69 1.38 -2.82
N ASP A 2 -4.31 2.31 -3.69
CA ASP A 2 -5.26 3.28 -4.23
C ASP A 2 -5.29 3.21 -5.76
N MET A 3 -6.24 3.92 -6.36
CA MET A 3 -6.39 3.94 -7.81
C MET A 3 -5.16 4.57 -8.46
N GLU A 4 -4.74 5.73 -7.95
CA GLU A 4 -3.59 6.42 -8.48
C GLU A 4 -2.29 5.67 -8.18
N VAL A 5 -2.03 5.46 -6.90
CA VAL A 5 -0.83 4.76 -6.46
C VAL A 5 -1.09 3.26 -6.34
N SER A 6 -0.38 2.48 -7.15
CA SER A 6 -0.53 1.02 -7.13
C SER A 6 0.74 0.35 -6.65
N CYS A 7 0.71 -0.98 -6.59
CA CYS A 7 1.87 -1.75 -6.14
C CYS A 7 2.35 -2.69 -7.24
N PRO A 8 3.01 -2.11 -8.26
CA PRO A 8 3.53 -2.88 -9.39
C PRO A 8 4.72 -3.74 -9.00
N ASP A 9 5.52 -3.26 -8.05
CA ASP A 9 6.68 -3.99 -7.58
C ASP A 9 6.32 -5.42 -7.19
N GLY A 10 5.09 -5.60 -6.72
CA GLY A 10 4.63 -6.92 -6.32
C GLY A 10 4.52 -7.05 -4.81
N TYR A 11 4.05 -6.01 -4.15
CA TYR A 11 3.90 -6.02 -2.70
C TYR A 11 2.44 -6.22 -2.30
N THR A 12 2.24 -6.68 -1.07
CA THR A 12 0.90 -6.93 -0.57
C THR A 12 0.33 -5.68 0.11
N CYS A 13 -0.98 -5.68 0.35
CA CYS A 13 -1.64 -4.56 1.00
C CYS A 13 -1.44 -4.60 2.51
N CYS A 14 -0.91 -3.52 3.06
CA CYS A 14 -0.67 -3.44 4.49
C CYS A 14 -1.21 -2.14 5.07
N ARG A 15 -1.05 -1.96 6.37
CA ARG A 15 -1.53 -0.75 7.04
C ARG A 15 -0.40 -0.07 7.81
N LEU A 16 -0.28 1.24 7.64
CA LEU A 16 0.76 2.01 8.31
C LEU A 16 0.27 2.53 9.66
N GLN A 17 1.10 2.38 10.69
CA GLN A 17 0.74 2.83 12.03
C GLN A 17 0.32 4.29 12.01
N SER A 18 0.97 5.08 11.16
CA SER A 18 0.65 6.50 11.05
C SER A 18 -0.84 6.72 10.84
N GLY A 19 -1.47 5.81 10.09
CA GLY A 19 -2.89 5.91 9.82
C GLY A 19 -3.19 6.04 8.33
N ALA A 20 -2.53 5.22 7.53
CA ALA A 20 -2.74 5.25 6.09
C ALA A 20 -2.50 3.86 5.48
N TRP A 21 -2.93 3.69 4.23
CA TRP A 21 -2.77 2.42 3.53
C TRP A 21 -1.51 2.42 2.67
N GLY A 22 -0.81 1.28 2.65
CA GLY A 22 0.40 1.19 1.86
C GLY A 22 0.68 -0.24 1.41
N CYS A 23 1.93 -0.53 1.08
CA CYS A 23 2.32 -1.85 0.63
C CYS A 23 3.60 -2.31 1.31
N CYS A 24 3.64 -3.58 1.71
CA CYS A 24 4.81 -4.13 2.38
C CYS A 24 5.01 -5.60 1.99
#